data_7K2S
#
_entry.id   7K2S
#
_cell.length_a   161.657
_cell.length_b   68.692
_cell.length_c   77.165
_cell.angle_alpha   90.000
_cell.angle_beta   117.640
_cell.angle_gamma   90.000
#
_symmetry.space_group_name_H-M   'C 1 2 1'
#
loop_
_entity.id
_entity.type
_entity.pdbx_description
1 polymer 'Kelch-like ECH-associated protein 1'
2 polymer B3A-ASP-PRO-GLU-THR-GLY-GLU
3 water water
#
loop_
_entity_poly.entity_id
_entity_poly.type
_entity_poly.pdbx_seq_one_letter_code
_entity_poly.pdbx_strand_id
1 'polypeptide(L)'
;VGRLIYTAGGYFRQSLSYLEAYNPSDGTWLRLADLQVPRSGLAGCVVGGLLYAVGGRNNSPDGNTDSSALDCYNPMTNQW
SPCAPMSVPRNRIGVGVIDGHIYAVGGSHGCIHHNSVERYEPERDEWHLVAPMLTRRIGVGVAVLNRLLYAVGGFDGTNR
LNSAECYYPERNEWRMITAMNTIRSGAGVCVLHNCIYAAGGYDGQDQLNSVERYDVATATWTFVAPMKHRRSALGITVHQ
GRIYVLGGYDGHTFLDSVECYDPDTDTWSEVTRMTSGRSGVGVAVTMEPSRKQIDQQNCTC
;
B,A
2 'polypeptide(L)' (B3A)DPETGE P
#
# COMPACT_ATOMS: atom_id res chain seq x y z
N ARG A 3 -5.05 -17.47 -14.98
CA ARG A 3 -5.40 -17.60 -13.56
C ARG A 3 -6.79 -18.17 -13.28
N LEU A 4 -6.89 -18.97 -12.22
CA LEU A 4 -8.12 -19.64 -11.80
C LEU A 4 -8.46 -19.27 -10.37
N ILE A 5 -9.73 -19.50 -10.02
CA ILE A 5 -10.25 -19.30 -8.67
C ILE A 5 -10.30 -20.66 -7.98
N TYR A 6 -9.41 -20.87 -7.01
CA TYR A 6 -9.33 -22.13 -6.28
C TYR A 6 -10.17 -22.08 -5.00
N THR A 7 -10.97 -23.11 -4.78
CA THR A 7 -11.70 -23.33 -3.54
C THR A 7 -11.19 -24.62 -2.91
N ALA A 8 -10.80 -24.53 -1.64
CA ALA A 8 -10.22 -25.62 -0.89
C ALA A 8 -11.05 -25.89 0.35
N GLY A 9 -11.30 -27.18 0.61
CA GLY A 9 -11.96 -27.58 1.85
C GLY A 9 -13.42 -27.16 1.86
N GLY A 10 -13.95 -26.94 3.06
CA GLY A 10 -15.34 -26.57 3.22
C GLY A 10 -16.09 -27.59 4.05
N TYR A 11 -17.40 -27.39 4.13
CA TYR A 11 -18.24 -28.21 4.98
C TYR A 11 -19.56 -28.47 4.28
N PHE A 12 -19.96 -29.74 4.25
CA PHE A 12 -21.33 -30.14 3.91
C PHE A 12 -21.53 -31.48 4.60
N ARG A 13 -22.23 -31.46 5.74
CA ARG A 13 -22.47 -32.62 6.61
C ARG A 13 -21.19 -33.11 7.28
N GLN A 14 -20.04 -32.85 6.66
CA GLN A 14 -18.75 -33.04 7.31
C GLN A 14 -17.75 -32.14 6.59
N SER A 15 -16.56 -32.02 7.17
CA SER A 15 -15.53 -31.26 6.47
C SER A 15 -15.09 -32.00 5.21
N LEU A 16 -14.54 -31.23 4.26
CA LEU A 16 -14.31 -31.70 2.90
C LEU A 16 -12.83 -31.55 2.55
N SER A 17 -12.36 -32.36 1.61
CA SER A 17 -10.98 -32.23 1.13
C SER A 17 -10.88 -31.73 -0.29
N TYR A 18 -11.98 -31.29 -0.90
CA TYR A 18 -11.96 -30.87 -2.30
C TYR A 18 -11.01 -29.70 -2.52
N LEU A 19 -10.21 -29.78 -3.57
CA LEU A 19 -9.55 -28.63 -4.17
C LEU A 19 -10.04 -28.56 -5.59
N GLU A 20 -10.80 -27.51 -5.92
CA GLU A 20 -11.36 -27.32 -7.25
C GLU A 20 -11.07 -25.90 -7.72
N ALA A 21 -10.86 -25.76 -9.03
CA ALA A 21 -10.48 -24.46 -9.58
C ALA A 21 -11.44 -24.07 -10.70
N TYR A 22 -11.96 -22.85 -10.62
CA TYR A 22 -12.97 -22.36 -11.55
C TYR A 22 -12.32 -21.42 -12.56
N ASN A 23 -12.74 -21.59 -13.81
CA ASN A 23 -12.21 -20.81 -14.92
C ASN A 23 -13.35 -19.91 -15.36
N PRO A 24 -13.33 -18.61 -15.00
CA PRO A 24 -14.47 -17.73 -15.34
C PRO A 24 -14.69 -17.59 -16.83
N SER A 25 -13.68 -17.90 -17.65
CA SER A 25 -13.83 -17.81 -19.10
C SER A 25 -14.64 -18.98 -19.66
N ASP A 26 -14.12 -20.21 -19.52
CA ASP A 26 -14.78 -21.36 -20.14
C ASP A 26 -15.79 -22.06 -19.22
N GLY A 27 -15.91 -21.59 -17.98
CA GLY A 27 -16.87 -22.04 -16.99
C GLY A 27 -16.59 -23.38 -16.34
N THR A 28 -15.43 -24.00 -16.59
CA THR A 28 -15.15 -25.31 -16.03
C THR A 28 -14.73 -25.25 -14.56
N TRP A 29 -14.99 -26.35 -13.85
CA TRP A 29 -14.43 -26.61 -12.54
C TRP A 29 -13.42 -27.74 -12.72
N LEU A 30 -12.20 -27.52 -12.28
CA LEU A 30 -11.16 -28.53 -12.38
C LEU A 30 -11.05 -29.20 -11.01
N ARG A 31 -10.99 -30.53 -11.00
CA ARG A 31 -10.81 -31.26 -9.76
C ARG A 31 -9.33 -31.54 -9.57
N LEU A 32 -8.74 -30.98 -8.51
CA LEU A 32 -7.31 -31.07 -8.29
C LEU A 32 -7.01 -32.00 -7.11
N ALA A 33 -5.76 -31.97 -6.64
CA ALA A 33 -5.36 -32.88 -5.56
C ALA A 33 -6.13 -32.54 -4.28
N ASP A 34 -6.63 -33.58 -3.61
CA ASP A 34 -7.34 -33.40 -2.34
C ASP A 34 -6.40 -32.82 -1.29
N LEU A 35 -6.96 -32.03 -0.39
CA LEU A 35 -6.24 -31.72 0.84
C LEU A 35 -5.85 -33.03 1.54
N GLN A 36 -4.70 -32.99 2.20
CA GLN A 36 -4.29 -34.14 3.00
C GLN A 36 -5.32 -34.46 4.08
N VAL A 37 -5.91 -33.44 4.68
CA VAL A 37 -6.87 -33.56 5.76
C VAL A 37 -8.13 -32.78 5.41
N PRO A 38 -9.32 -33.34 5.53
CA PRO A 38 -10.54 -32.54 5.32
C PRO A 38 -10.61 -31.41 6.33
N ARG A 39 -10.96 -30.22 5.86
CA ARG A 39 -10.99 -29.04 6.71
C ARG A 39 -12.08 -28.08 6.23
N SER A 40 -12.80 -27.49 7.18
CA SER A 40 -13.72 -26.38 6.97
C SER A 40 -13.30 -25.24 7.88
N GLY A 41 -13.79 -24.03 7.59
CA GLY A 41 -13.43 -22.86 8.36
C GLY A 41 -11.99 -22.44 8.22
N LEU A 42 -11.33 -22.88 7.14
CA LEU A 42 -9.96 -22.53 6.86
C LEU A 42 -9.96 -21.24 6.04
N ALA A 43 -8.77 -20.72 5.76
CA ALA A 43 -8.67 -19.61 4.82
C ALA A 43 -7.63 -19.99 3.79
N GLY A 44 -7.72 -19.36 2.62
CA GLY A 44 -6.77 -19.60 1.56
C GLY A 44 -6.08 -18.28 1.22
N CYS A 45 -4.82 -18.39 0.78
CA CYS A 45 -4.15 -17.21 0.22
C CYS A 45 -3.07 -17.69 -0.74
N VAL A 46 -2.47 -16.75 -1.46
CA VAL A 46 -1.44 -17.08 -2.44
C VAL A 46 -0.20 -16.24 -2.16
N VAL A 47 0.96 -16.89 -2.05
CA VAL A 47 2.24 -16.18 -1.98
C VAL A 47 3.20 -16.83 -2.97
N GLY A 48 3.94 -15.99 -3.69
CA GLY A 48 4.58 -16.48 -4.88
C GLY A 48 3.46 -16.89 -5.80
N GLY A 49 3.50 -18.12 -6.27
CA GLY A 49 2.32 -18.60 -6.96
C GLY A 49 1.71 -19.76 -6.23
N LEU A 50 2.11 -19.97 -4.97
CA LEU A 50 1.71 -21.14 -4.20
C LEU A 50 0.42 -20.84 -3.43
N LEU A 51 -0.53 -21.77 -3.50
CA LEU A 51 -1.79 -21.67 -2.77
C LEU A 51 -1.59 -22.25 -1.37
N TYR A 52 -1.88 -21.46 -0.34
CA TYR A 52 -1.79 -21.89 1.05
C TYR A 52 -3.20 -22.07 1.63
N ALA A 53 -3.39 -23.18 2.34
CA ALA A 53 -4.59 -23.49 3.13
C ALA A 53 -4.22 -23.42 4.61
N VAL A 54 -4.90 -22.54 5.36
CA VAL A 54 -4.50 -22.15 6.72
C VAL A 54 -5.64 -22.43 7.70
N GLY A 55 -5.33 -23.16 8.77
CA GLY A 55 -6.23 -23.35 9.89
C GLY A 55 -7.44 -24.20 9.53
N GLY A 56 -8.58 -23.90 10.16
CA GLY A 56 -9.80 -24.67 9.95
C GLY A 56 -10.06 -25.71 11.05
N ARG A 57 -10.85 -26.73 10.67
CA ARG A 57 -11.21 -27.80 11.59
C ARG A 57 -11.60 -29.04 10.79
N ASN A 58 -11.20 -30.21 11.28
CA ASN A 58 -11.59 -31.49 10.69
C ASN A 58 -12.80 -31.99 11.46
N ASN A 59 -13.96 -31.88 10.82
CA ASN A 59 -15.26 -32.35 11.32
C ASN A 59 -15.53 -33.65 10.57
N SER A 60 -15.32 -34.79 11.22
CA SER A 60 -15.38 -36.09 10.59
C SER A 60 -16.30 -36.98 11.40
N PRO A 61 -16.89 -38.00 10.75
CA PRO A 61 -17.75 -38.95 11.49
C PRO A 61 -17.04 -39.61 12.67
N ASP A 62 -15.72 -39.48 12.72
CA ASP A 62 -14.92 -40.14 13.74
C ASP A 62 -14.27 -39.17 14.72
N GLY A 63 -14.43 -37.87 14.53
CA GLY A 63 -13.74 -36.93 15.40
C GLY A 63 -14.02 -35.50 14.98
N ASN A 64 -13.52 -34.57 15.79
CA ASN A 64 -13.78 -33.15 15.56
C ASN A 64 -12.66 -32.29 16.13
N THR A 65 -11.61 -32.07 15.34
CA THR A 65 -10.42 -31.39 15.84
C THR A 65 -10.17 -30.09 15.09
N ASP A 66 -10.02 -28.98 15.82
CA ASP A 66 -9.54 -27.76 15.19
C ASP A 66 -8.13 -27.96 14.65
N SER A 67 -7.73 -27.17 13.66
CA SER A 67 -6.45 -27.43 13.00
C SER A 67 -5.56 -26.20 13.08
N SER A 68 -4.29 -26.41 13.47
CA SER A 68 -3.24 -25.40 13.35
C SER A 68 -2.51 -25.45 12.02
N ALA A 69 -2.90 -26.33 11.10
CA ALA A 69 -2.04 -26.71 9.99
C ALA A 69 -1.91 -25.58 8.97
N LEU A 70 -0.78 -25.54 8.31
CA LEU A 70 -0.54 -24.73 7.12
C LEU A 70 -0.06 -25.67 6.03
N ASP A 71 -0.75 -25.68 4.89
CA ASP A 71 -0.40 -26.56 3.79
C ASP A 71 -0.31 -25.76 2.51
N CYS A 72 0.55 -26.24 1.61
CA CYS A 72 0.96 -25.49 0.43
C CYS A 72 0.73 -26.31 -0.82
N TYR A 73 0.05 -25.73 -1.79
CA TYR A 73 -0.34 -26.39 -3.02
C TYR A 73 0.37 -25.72 -4.19
N ASN A 74 1.08 -26.54 -5.00
CA ASN A 74 1.80 -26.05 -6.16
C ASN A 74 1.03 -26.40 -7.42
N PRO A 75 0.50 -25.42 -8.16
CA PRO A 75 -0.19 -25.74 -9.41
C PRO A 75 0.73 -26.28 -10.49
N MET A 76 2.06 -26.19 -10.32
CA MET A 76 2.99 -26.77 -11.29
C MET A 76 3.10 -28.28 -11.14
N THR A 77 2.99 -28.78 -9.92
CA THR A 77 3.07 -30.22 -9.66
C THR A 77 1.73 -30.86 -9.33
N ASN A 78 0.68 -30.06 -9.14
CA ASN A 78 -0.60 -30.55 -8.58
C ASN A 78 -0.35 -31.37 -7.32
N GLN A 79 0.47 -30.85 -6.43
CA GLN A 79 0.78 -31.52 -5.18
C GLN A 79 0.70 -30.57 -4.00
N TRP A 80 0.21 -31.10 -2.87
CA TRP A 80 0.23 -30.45 -1.56
C TRP A 80 1.46 -30.89 -0.79
N SER A 81 2.00 -29.98 0.02
CA SER A 81 3.07 -30.27 0.98
C SER A 81 2.77 -29.52 2.26
N PRO A 82 3.02 -30.12 3.41
CA PRO A 82 2.81 -29.41 4.67
C PRO A 82 3.86 -28.34 4.86
N CYS A 83 3.51 -27.32 5.65
CA CYS A 83 4.43 -26.32 6.16
C CYS A 83 4.43 -26.42 7.68
N ALA A 84 5.26 -25.60 8.32
CA ALA A 84 5.23 -25.54 9.77
C ALA A 84 3.84 -25.07 10.22
N PRO A 85 3.31 -25.60 11.32
CA PRO A 85 1.98 -25.18 11.78
C PRO A 85 2.01 -23.91 12.63
N MET A 86 0.86 -23.25 12.73
CA MET A 86 0.74 -22.10 13.62
C MET A 86 0.87 -22.56 15.07
N SER A 87 1.05 -21.59 15.96
CA SER A 87 1.25 -21.99 17.36
C SER A 87 -0.02 -22.57 17.99
N VAL A 88 -1.20 -22.24 17.48
CA VAL A 88 -2.45 -22.79 18.02
C VAL A 88 -3.38 -23.15 16.88
N PRO A 89 -4.32 -24.06 17.12
CA PRO A 89 -5.39 -24.28 16.13
C PRO A 89 -6.29 -23.07 16.02
N ARG A 90 -6.81 -22.83 14.81
CA ARG A 90 -7.62 -21.64 14.50
C ARG A 90 -8.71 -22.05 13.51
N ASN A 91 -9.85 -22.46 14.05
CA ASN A 91 -11.03 -22.70 13.22
C ASN A 91 -11.69 -21.35 12.92
N ARG A 92 -12.24 -21.19 11.72
CA ARG A 92 -12.89 -19.93 11.30
C ARG A 92 -11.92 -18.76 11.42
N ILE A 93 -10.76 -18.97 10.83
CA ILE A 93 -9.64 -18.05 10.83
C ILE A 93 -9.86 -16.98 9.75
N GLY A 94 -9.13 -15.87 9.88
CA GLY A 94 -8.93 -14.94 8.77
C GLY A 94 -7.44 -14.82 8.47
N VAL A 95 -7.11 -14.59 7.20
CA VAL A 95 -5.70 -14.41 6.84
C VAL A 95 -5.54 -13.27 5.86
N GLY A 96 -4.34 -12.68 5.87
CA GLY A 96 -4.00 -11.65 4.91
C GLY A 96 -2.52 -11.74 4.59
N VAL A 97 -2.12 -11.16 3.47
CA VAL A 97 -0.74 -11.23 3.02
C VAL A 97 -0.16 -9.82 2.96
N ILE A 98 1.00 -9.63 3.59
CA ILE A 98 1.72 -8.36 3.53
C ILE A 98 3.18 -8.68 3.31
N ASP A 99 3.75 -8.12 2.24
CA ASP A 99 5.19 -8.27 1.98
C ASP A 99 5.60 -9.73 1.90
N GLY A 100 4.76 -10.56 1.26
CA GLY A 100 5.05 -11.98 1.13
C GLY A 100 4.97 -12.77 2.41
N HIS A 101 4.38 -12.23 3.47
CA HIS A 101 4.18 -12.92 4.73
C HIS A 101 2.70 -13.13 4.99
N ILE A 102 2.36 -14.27 5.58
CA ILE A 102 0.96 -14.64 5.84
C ILE A 102 0.63 -14.32 7.28
N TYR A 103 -0.35 -13.46 7.50
CA TYR A 103 -0.85 -13.16 8.84
C TYR A 103 -2.10 -13.99 9.08
N ALA A 104 -2.06 -14.77 10.16
CA ALA A 104 -3.17 -15.57 10.64
C ALA A 104 -3.80 -14.85 11.82
N VAL A 105 -5.12 -14.67 11.77
CA VAL A 105 -5.86 -13.75 12.61
C VAL A 105 -7.04 -14.48 13.27
N GLY A 106 -7.08 -14.43 14.60
CA GLY A 106 -8.28 -14.85 15.33
C GLY A 106 -8.57 -16.34 15.17
N GLY A 107 -9.85 -16.66 15.07
CA GLY A 107 -10.26 -18.05 15.05
C GLY A 107 -10.46 -18.60 16.45
N SER A 108 -10.89 -19.85 16.52
CA SER A 108 -11.17 -20.51 17.78
C SER A 108 -10.38 -21.81 17.90
N HIS A 109 -10.17 -22.22 19.14
CA HIS A 109 -9.71 -23.57 19.45
C HIS A 109 -10.61 -24.07 20.58
N GLY A 110 -11.47 -25.01 20.26
CA GLY A 110 -12.45 -25.44 21.25
C GLY A 110 -13.25 -24.22 21.69
N CYS A 111 -13.27 -23.97 23.00
CA CYS A 111 -14.01 -22.82 23.50
CA CYS A 111 -13.98 -22.82 23.57
C CYS A 111 -13.15 -21.55 23.56
N ILE A 112 -11.89 -21.62 23.15
CA ILE A 112 -11.01 -20.46 23.16
C ILE A 112 -11.28 -19.61 21.93
N HIS A 113 -11.55 -18.32 22.15
CA HIS A 113 -11.73 -17.37 21.06
C HIS A 113 -10.50 -16.49 20.99
N HIS A 114 -9.73 -16.63 19.91
CA HIS A 114 -8.43 -15.97 19.85
C HIS A 114 -8.56 -14.48 19.57
N ASN A 115 -7.80 -13.68 20.31
CA ASN A 115 -7.37 -12.39 19.77
C ASN A 115 -5.93 -12.42 19.25
N SER A 116 -5.20 -13.53 19.47
CA SER A 116 -3.83 -13.64 18.97
C SER A 116 -3.75 -13.57 17.45
N VAL A 117 -2.61 -13.08 16.98
CA VAL A 117 -2.25 -12.99 15.57
C VAL A 117 -0.82 -13.46 15.41
N GLU A 118 -0.56 -14.22 14.35
CA GLU A 118 0.82 -14.65 14.10
C GLU A 118 1.14 -14.57 12.62
N ARG A 119 2.43 -14.51 12.32
CA ARG A 119 2.93 -14.17 10.99
C ARG A 119 3.81 -15.32 10.49
N TYR A 120 3.57 -15.75 9.27
CA TYR A 120 4.33 -16.82 8.64
C TYR A 120 5.28 -16.24 7.61
N GLU A 121 6.54 -16.68 7.67
CA GLU A 121 7.58 -16.33 6.73
C GLU A 121 7.91 -17.57 5.89
N PRO A 122 7.51 -17.58 4.61
CA PRO A 122 7.74 -18.75 3.75
C PRO A 122 9.20 -19.05 3.48
N GLU A 123 10.05 -18.02 3.35
CA GLU A 123 11.47 -18.29 3.09
C GLU A 123 12.11 -19.04 4.25
N ARG A 124 11.63 -18.83 5.48
CA ARG A 124 12.16 -19.52 6.64
C ARG A 124 11.27 -20.68 7.11
N ASP A 125 10.10 -20.84 6.51
CA ASP A 125 9.08 -21.76 6.99
C ASP A 125 8.91 -21.64 8.51
N GLU A 126 8.60 -20.41 8.95
CA GLU A 126 8.59 -20.09 10.38
C GLU A 126 7.41 -19.21 10.72
N TRP A 127 6.76 -19.48 11.85
CA TRP A 127 5.68 -18.65 12.39
C TRP A 127 6.18 -17.87 13.61
N HIS A 128 5.71 -16.64 13.77
CA HIS A 128 6.04 -15.83 14.93
C HIS A 128 4.83 -15.04 15.39
N LEU A 129 4.64 -14.96 16.70
CA LEU A 129 3.50 -14.23 17.25
C LEU A 129 3.70 -12.73 17.09
N VAL A 130 2.61 -12.02 16.80
CA VAL A 130 2.70 -10.55 16.79
C VAL A 130 1.70 -9.99 17.79
N ALA A 131 1.54 -8.67 17.81
CA ALA A 131 0.64 -8.08 18.79
C ALA A 131 -0.76 -8.66 18.61
N PRO A 132 -1.43 -9.03 19.69
CA PRO A 132 -2.81 -9.51 19.58
C PRO A 132 -3.77 -8.39 19.23
N MET A 133 -4.88 -8.76 18.60
CA MET A 133 -5.93 -7.80 18.32
C MET A 133 -6.49 -7.19 19.60
N LEU A 134 -7.19 -6.08 19.44
CA LEU A 134 -7.93 -5.51 20.57
C LEU A 134 -9.11 -6.37 20.96
N THR A 135 -9.57 -7.26 20.09
CA THR A 135 -10.81 -8.02 20.22
C THR A 135 -10.59 -9.48 19.88
N ARG A 136 -11.20 -10.37 20.64
CA ARG A 136 -11.27 -11.77 20.20
C ARG A 136 -12.30 -11.88 19.06
N ARG A 137 -11.89 -12.51 17.96
CA ARG A 137 -12.72 -12.55 16.74
C ARG A 137 -12.60 -13.93 16.11
N ILE A 138 -13.70 -14.66 16.04
CA ILE A 138 -13.74 -15.83 15.20
C ILE A 138 -14.75 -15.55 14.10
N GLY A 139 -14.59 -16.25 12.98
CA GLY A 139 -15.31 -15.86 11.78
C GLY A 139 -15.00 -14.44 11.37
N VAL A 140 -13.74 -14.01 11.54
CA VAL A 140 -13.32 -12.64 11.26
C VAL A 140 -12.94 -12.54 9.78
N GLY A 141 -13.34 -11.45 9.12
CA GLY A 141 -12.86 -11.18 7.77
C GLY A 141 -11.57 -10.37 7.82
N VAL A 142 -10.67 -10.62 6.88
CA VAL A 142 -9.36 -10.00 6.87
C VAL A 142 -9.05 -9.48 5.48
N ALA A 143 -8.47 -8.28 5.42
CA ALA A 143 -8.08 -7.71 4.14
C ALA A 143 -6.86 -6.83 4.33
N VAL A 144 -6.09 -6.65 3.27
CA VAL A 144 -4.88 -5.85 3.34
C VAL A 144 -5.01 -4.71 2.35
N LEU A 145 -4.75 -3.50 2.84
CA LEU A 145 -4.84 -2.31 2.02
C LEU A 145 -3.71 -1.39 2.44
N ASN A 146 -2.90 -0.97 1.46
CA ASN A 146 -1.75 -0.10 1.73
C ASN A 146 -0.80 -0.76 2.73
N ARG A 147 -0.62 -2.07 2.61
CA ARG A 147 0.24 -2.84 3.51
C ARG A 147 -0.19 -2.71 4.97
N LEU A 148 -1.47 -2.43 5.20
CA LEU A 148 -2.04 -2.45 6.54
C LEU A 148 -3.05 -3.59 6.58
N LEU A 149 -3.14 -4.24 7.74
CA LEU A 149 -3.96 -5.44 7.88
C LEU A 149 -5.24 -5.12 8.63
N TYR A 150 -6.39 -5.46 8.05
CA TYR A 150 -7.69 -5.14 8.63
C TYR A 150 -8.41 -6.40 9.05
N ALA A 151 -8.90 -6.39 10.29
CA ALA A 151 -9.75 -7.44 10.84
C ALA A 151 -11.14 -6.85 11.05
N VAL A 152 -12.15 -7.51 10.47
CA VAL A 152 -13.49 -6.96 10.30
C VAL A 152 -14.51 -7.95 10.85
N GLY A 153 -15.36 -7.50 11.77
CA GLY A 153 -16.44 -8.33 12.30
C GLY A 153 -15.98 -9.56 13.06
N GLY A 154 -16.80 -10.60 13.00
CA GLY A 154 -16.51 -11.83 13.71
C GLY A 154 -17.39 -11.98 14.95
N PHE A 155 -16.99 -12.90 15.80
CA PHE A 155 -17.76 -13.31 16.98
C PHE A 155 -16.77 -13.51 18.10
N ASP A 156 -17.01 -12.87 19.25
CA ASP A 156 -16.03 -12.89 20.34
C ASP A 156 -16.33 -13.99 21.34
N GLY A 157 -17.26 -14.89 21.04
CA GLY A 157 -17.67 -15.92 21.95
C GLY A 157 -19.00 -15.62 22.61
N THR A 158 -19.35 -14.34 22.72
CA THR A 158 -20.61 -13.90 23.28
C THR A 158 -21.38 -13.01 22.32
N ASN A 159 -20.70 -12.05 21.70
CA ASN A 159 -21.34 -11.10 20.81
C ASN A 159 -20.72 -11.16 19.43
N ARG A 160 -21.56 -11.04 18.41
CA ARG A 160 -21.10 -10.78 17.06
C ARG A 160 -20.86 -9.29 16.87
N LEU A 161 -19.96 -8.98 15.94
CA LEU A 161 -19.28 -7.68 15.92
C LEU A 161 -19.49 -6.96 14.61
N ASN A 162 -19.69 -5.64 14.69
CA ASN A 162 -19.53 -4.80 13.51
C ASN A 162 -18.23 -4.00 13.57
N SER A 163 -17.47 -4.09 14.67
CA SER A 163 -16.25 -3.31 14.79
C SER A 163 -15.18 -3.84 13.84
N ALA A 164 -14.24 -2.96 13.51
CA ALA A 164 -13.08 -3.32 12.73
C ALA A 164 -11.84 -2.66 13.30
N GLU A 165 -10.70 -3.33 13.14
CA GLU A 165 -9.43 -2.81 13.62
C GLU A 165 -8.36 -3.03 12.56
N CYS A 166 -7.28 -2.27 12.70
CA CYS A 166 -6.24 -2.19 11.69
C CYS A 166 -4.90 -2.38 12.37
N TYR A 167 -4.08 -3.27 11.80
CA TYR A 167 -2.76 -3.61 12.31
C TYR A 167 -1.70 -2.90 11.48
N TYR A 168 -0.81 -2.17 12.19
CA TYR A 168 0.37 -1.51 11.64
C TYR A 168 1.56 -2.39 11.96
N PRO A 169 2.16 -3.05 10.96
CA PRO A 169 3.31 -3.92 11.24
C PRO A 169 4.54 -3.16 11.70
N GLU A 170 4.74 -1.94 11.21
CA GLU A 170 5.95 -1.20 11.55
C GLU A 170 5.94 -0.74 12.99
N ARG A 171 4.76 -0.68 13.60
CA ARG A 171 4.63 -0.32 14.99
C ARG A 171 4.18 -1.51 15.81
N ASN A 172 3.87 -2.62 15.14
CA ASN A 172 3.37 -3.83 15.78
C ASN A 172 2.20 -3.49 16.68
N GLU A 173 1.19 -2.81 16.12
CA GLU A 173 0.08 -2.45 16.99
C GLU A 173 -1.24 -2.36 16.24
N TRP A 174 -2.33 -2.62 16.96
CA TRP A 174 -3.68 -2.58 16.43
C TRP A 174 -4.37 -1.32 16.90
N ARG A 175 -5.14 -0.69 15.99
CA ARG A 175 -5.95 0.48 16.29
C ARG A 175 -7.35 0.25 15.73
N MET A 176 -8.37 0.60 16.51
CA MET A 176 -9.74 0.48 16.04
C MET A 176 -9.98 1.44 14.88
N ILE A 177 -10.84 1.03 13.93
CA ILE A 177 -11.23 1.97 12.89
C ILE A 177 -12.75 2.16 12.94
N THR A 178 -13.32 2.88 11.96
CA THR A 178 -14.77 3.04 11.92
C THR A 178 -15.45 1.69 11.79
N ALA A 179 -16.49 1.47 12.60
CA ALA A 179 -17.22 0.20 12.53
C ALA A 179 -18.06 0.14 11.27
N MET A 180 -18.33 -1.09 10.81
CA MET A 180 -19.27 -1.29 9.72
C MET A 180 -20.67 -0.84 10.13
N ASN A 181 -21.53 -0.67 9.13
CA ASN A 181 -22.94 -0.39 9.40
C ASN A 181 -23.65 -1.60 10.00
N THR A 182 -23.19 -2.81 9.68
CA THR A 182 -23.88 -4.05 9.99
C THR A 182 -22.97 -5.02 10.74
N ILE A 183 -23.52 -5.66 11.78
CA ILE A 183 -22.83 -6.73 12.49
C ILE A 183 -22.73 -7.94 11.57
N ARG A 184 -21.53 -8.53 11.47
CA ARG A 184 -21.26 -9.64 10.56
C ARG A 184 -20.22 -10.55 11.17
N SER A 185 -20.56 -11.82 11.36
CA SER A 185 -19.56 -12.86 11.56
C SER A 185 -19.65 -13.79 10.36
N GLY A 186 -18.50 -14.29 9.92
CA GLY A 186 -18.52 -15.20 8.75
C GLY A 186 -18.85 -14.49 7.45
N ALA A 187 -18.61 -13.18 7.39
CA ALA A 187 -18.70 -12.42 6.15
C ALA A 187 -17.52 -12.74 5.25
N GLY A 188 -17.68 -12.45 3.95
CA GLY A 188 -16.56 -12.48 3.05
C GLY A 188 -15.98 -11.07 2.96
N VAL A 189 -14.69 -10.95 3.17
CA VAL A 189 -14.03 -9.65 3.22
C VAL A 189 -12.84 -9.72 2.30
N CYS A 190 -12.75 -8.74 1.39
CA CYS A 190 -11.65 -8.67 0.43
C CYS A 190 -11.38 -7.22 0.07
N VAL A 191 -10.33 -6.99 -0.68
CA VAL A 191 -10.01 -5.65 -1.17
C VAL A 191 -10.24 -5.62 -2.67
N LEU A 192 -10.88 -4.56 -3.15
CA LEU A 192 -11.08 -4.35 -4.57
C LEU A 192 -10.84 -2.89 -4.86
N HIS A 193 -10.03 -2.64 -5.88
CA HIS A 193 -9.50 -1.33 -6.18
C HIS A 193 -8.92 -0.74 -4.91
N ASN A 194 -9.51 0.30 -4.34
CA ASN A 194 -8.94 0.82 -3.11
C ASN A 194 -9.93 0.81 -1.97
N CYS A 195 -10.75 -0.24 -1.89
CA CYS A 195 -11.73 -0.30 -0.83
C CYS A 195 -11.80 -1.72 -0.28
N ILE A 196 -12.28 -1.80 0.95
CA ILE A 196 -12.47 -3.08 1.63
C ILE A 196 -13.94 -3.42 1.50
N TYR A 197 -14.27 -4.58 0.95
CA TYR A 197 -15.65 -5.01 0.87
C TYR A 197 -15.92 -6.07 1.92
N ALA A 198 -17.10 -5.99 2.51
CA ALA A 198 -17.62 -6.96 3.47
C ALA A 198 -18.98 -7.36 2.93
N ALA A 199 -19.13 -8.66 2.64
CA ALA A 199 -20.31 -9.18 1.96
C ALA A 199 -20.89 -10.29 2.81
N GLY A 200 -22.20 -10.21 3.05
CA GLY A 200 -22.91 -11.26 3.76
C GLY A 200 -22.48 -11.45 5.20
N GLY A 201 -22.60 -12.68 5.66
CA GLY A 201 -22.28 -12.97 7.04
C GLY A 201 -23.53 -13.29 7.83
N TYR A 202 -23.38 -13.23 9.15
CA TYR A 202 -24.44 -13.59 10.10
C TYR A 202 -24.42 -12.60 11.26
N ASP A 203 -25.57 -12.00 11.58
CA ASP A 203 -25.64 -11.03 12.68
C ASP A 203 -26.21 -11.63 13.95
N GLY A 204 -26.30 -12.95 14.05
CA GLY A 204 -26.94 -13.59 15.18
C GLY A 204 -28.43 -13.80 15.03
N GLN A 205 -29.06 -13.24 14.01
CA GLN A 205 -30.48 -13.45 13.71
C GLN A 205 -30.67 -13.92 12.29
N ASP A 206 -30.05 -13.27 11.31
CA ASP A 206 -30.26 -13.61 9.93
C ASP A 206 -28.93 -13.72 9.22
N GLN A 207 -28.89 -14.60 8.24
CA GLN A 207 -27.81 -14.53 7.26
C GLN A 207 -28.07 -13.30 6.38
N LEU A 208 -27.00 -12.67 5.92
CA LEU A 208 -27.09 -11.36 5.28
C LEU A 208 -26.77 -11.45 3.79
N ASN A 209 -27.44 -10.62 3.01
CA ASN A 209 -27.04 -10.39 1.63
C ASN A 209 -26.48 -9.00 1.40
N SER A 210 -26.54 -8.12 2.40
CA SER A 210 -25.97 -6.78 2.25
C SER A 210 -24.45 -6.85 2.08
N VAL A 211 -23.95 -5.89 1.30
CA VAL A 211 -22.53 -5.69 1.05
C VAL A 211 -22.19 -4.23 1.33
N GLU A 212 -21.09 -3.99 2.04
CA GLU A 212 -20.65 -2.61 2.29
C GLU A 212 -19.15 -2.51 2.08
N ARG A 213 -18.70 -1.30 1.74
CA ARG A 213 -17.29 -1.10 1.42
C ARG A 213 -16.73 0.10 2.17
N TYR A 214 -15.52 -0.10 2.66
CA TYR A 214 -14.79 0.86 3.45
C TYR A 214 -13.87 1.63 2.53
N ASP A 215 -14.00 2.95 2.54
CA ASP A 215 -13.11 3.84 1.82
C ASP A 215 -12.12 4.44 2.81
N VAL A 216 -10.84 4.10 2.65
CA VAL A 216 -9.86 4.56 3.62
C VAL A 216 -9.74 6.08 3.61
N ALA A 217 -9.88 6.70 2.44
CA ALA A 217 -9.76 8.15 2.35
C ALA A 217 -10.82 8.87 3.19
N THR A 218 -12.05 8.35 3.22
CA THR A 218 -13.11 8.98 4.02
C THR A 218 -13.34 8.27 5.34
N ALA A 219 -12.65 7.17 5.59
CA ALA A 219 -12.87 6.33 6.77
C ALA A 219 -14.34 6.04 7.03
N THR A 220 -15.12 5.75 5.98
CA THR A 220 -16.54 5.45 6.12
C THR A 220 -16.89 4.18 5.35
N TRP A 221 -17.84 3.44 5.90
CA TRP A 221 -18.45 2.30 5.22
C TRP A 221 -19.71 2.75 4.51
N THR A 222 -19.87 2.32 3.26
CA THR A 222 -21.03 2.63 2.45
C THR A 222 -21.58 1.34 1.87
N PHE A 223 -22.90 1.17 1.89
CA PHE A 223 -23.52 0.00 1.29
C PHE A 223 -23.42 0.04 -0.22
N VAL A 224 -23.22 -1.12 -0.82
CA VAL A 224 -23.37 -1.18 -2.28
C VAL A 224 -24.54 -2.11 -2.55
N ALA A 225 -24.66 -2.57 -3.79
CA ALA A 225 -25.73 -3.49 -4.14
C ALA A 225 -25.60 -4.79 -3.34
N PRO A 226 -26.70 -5.34 -2.83
CA PRO A 226 -26.62 -6.60 -2.08
C PRO A 226 -26.48 -7.79 -3.01
N MET A 227 -26.03 -8.91 -2.43
CA MET A 227 -25.97 -10.15 -3.19
C MET A 227 -27.38 -10.67 -3.47
N LYS A 228 -27.48 -11.58 -4.44
CA LYS A 228 -28.77 -12.19 -4.72
C LYS A 228 -29.17 -13.13 -3.59
N HIS A 229 -28.21 -13.80 -2.95
CA HIS A 229 -28.53 -14.79 -1.94
C HIS A 229 -27.83 -14.44 -0.65
N ARG A 230 -28.61 -14.29 0.43
CA ARG A 230 -28.05 -14.20 1.77
C ARG A 230 -27.15 -15.41 2.00
N ARG A 231 -26.05 -15.20 2.71
CA ARG A 231 -25.11 -16.29 2.92
C ARG A 231 -24.13 -15.90 4.01
N SER A 232 -23.82 -16.86 4.88
CA SER A 232 -22.78 -16.74 5.88
C SER A 232 -21.73 -17.81 5.62
N ALA A 233 -20.50 -17.55 6.08
CA ALA A 233 -19.36 -18.46 5.91
C ALA A 233 -19.14 -18.76 4.43
N LEU A 234 -19.15 -17.70 3.63
CA LEU A 234 -18.92 -17.80 2.20
C LEU A 234 -17.42 -17.67 1.94
N GLY A 235 -16.99 -18.19 0.80
CA GLY A 235 -15.67 -17.86 0.29
C GLY A 235 -15.78 -16.62 -0.58
N ILE A 236 -14.68 -15.85 -0.67
CA ILE A 236 -14.65 -14.64 -1.46
C ILE A 236 -13.26 -14.46 -2.04
N THR A 237 -13.20 -13.93 -3.26
CA THR A 237 -11.91 -13.53 -3.82
C THR A 237 -12.13 -12.49 -4.91
N VAL A 238 -11.02 -11.95 -5.42
CA VAL A 238 -11.05 -10.98 -6.51
C VAL A 238 -10.37 -11.61 -7.70
N HIS A 239 -11.01 -11.54 -8.87
CA HIS A 239 -10.45 -12.01 -10.12
C HIS A 239 -10.78 -11.00 -11.21
N GLN A 240 -9.75 -10.52 -11.90
CA GLN A 240 -9.83 -9.50 -12.94
C GLN A 240 -10.83 -8.39 -12.61
N GLY A 241 -10.58 -7.75 -11.47
CA GLY A 241 -11.37 -6.56 -11.15
C GLY A 241 -12.79 -6.81 -10.73
N ARG A 242 -13.16 -8.06 -10.43
CA ARG A 242 -14.51 -8.33 -9.95
C ARG A 242 -14.44 -9.23 -8.73
N ILE A 243 -15.48 -9.14 -7.89
CA ILE A 243 -15.54 -9.93 -6.67
C ILE A 243 -16.33 -11.19 -6.95
N TYR A 244 -15.87 -12.33 -6.45
CA TYR A 244 -16.60 -13.59 -6.56
C TYR A 244 -16.87 -14.09 -5.14
N VAL A 245 -18.14 -14.43 -4.86
CA VAL A 245 -18.52 -15.09 -3.62
C VAL A 245 -18.98 -16.51 -3.94
N LEU A 246 -18.53 -17.45 -3.13
CA LEU A 246 -18.70 -18.89 -3.36
C LEU A 246 -19.35 -19.50 -2.14
N GLY A 247 -20.49 -20.15 -2.34
CA GLY A 247 -21.12 -20.99 -1.36
C GLY A 247 -21.55 -20.23 -0.13
N GLY A 248 -21.49 -20.92 1.01
CA GLY A 248 -21.95 -20.37 2.26
C GLY A 248 -23.23 -21.06 2.70
N TYR A 249 -23.78 -20.55 3.78
CA TYR A 249 -24.96 -21.13 4.40
C TYR A 249 -26.03 -20.06 4.53
N ASP A 250 -27.29 -20.41 4.21
CA ASP A 250 -28.36 -19.42 4.27
C ASP A 250 -29.39 -19.73 5.38
N GLY A 251 -29.01 -20.53 6.38
CA GLY A 251 -29.94 -20.89 7.41
C GLY A 251 -30.71 -22.17 7.13
N HIS A 252 -30.66 -22.66 5.88
CA HIS A 252 -31.38 -23.84 5.46
C HIS A 252 -30.50 -24.75 4.61
N THR A 253 -29.69 -24.16 3.75
CA THR A 253 -28.98 -24.89 2.70
C THR A 253 -27.51 -24.46 2.69
N PHE A 254 -26.64 -25.42 2.37
CA PHE A 254 -25.26 -25.11 2.03
C PHE A 254 -25.25 -24.80 0.54
N LEU A 255 -25.04 -23.54 0.20
CA LEU A 255 -25.21 -23.11 -1.17
C LEU A 255 -24.06 -23.58 -2.07
N ASP A 256 -24.39 -23.75 -3.34
CA ASP A 256 -23.37 -23.94 -4.37
C ASP A 256 -23.30 -22.76 -5.32
N SER A 257 -24.19 -21.79 -5.15
CA SER A 257 -24.22 -20.58 -5.96
C SER A 257 -22.89 -19.83 -5.91
N VAL A 258 -22.44 -19.32 -7.06
CA VAL A 258 -21.31 -18.40 -7.12
C VAL A 258 -21.81 -17.11 -7.75
N GLU A 259 -21.66 -16.01 -7.03
CA GLU A 259 -22.08 -14.70 -7.54
C GLU A 259 -20.87 -13.83 -7.81
N CYS A 260 -21.01 -12.91 -8.76
CA CYS A 260 -19.91 -12.08 -9.18
C CYS A 260 -20.35 -10.63 -9.17
N TYR A 261 -19.53 -9.76 -8.59
CA TYR A 261 -19.81 -8.33 -8.45
C TYR A 261 -18.93 -7.54 -9.40
N ASP A 262 -19.59 -6.79 -10.31
CA ASP A 262 -18.97 -5.80 -11.19
C ASP A 262 -19.07 -4.42 -10.55
N PRO A 263 -17.96 -3.85 -10.07
CA PRO A 263 -18.05 -2.51 -9.45
C PRO A 263 -18.39 -1.42 -10.42
N ASP A 264 -18.14 -1.61 -11.72
CA ASP A 264 -18.48 -0.57 -12.68
C ASP A 264 -19.98 -0.40 -12.82
N THR A 265 -20.74 -1.48 -12.68
CA THR A 265 -22.19 -1.40 -12.76
C THR A 265 -22.88 -1.55 -11.42
N ASP A 266 -22.13 -1.74 -10.33
CA ASP A 266 -22.71 -2.01 -9.02
C ASP A 266 -23.81 -3.07 -9.13
N THR A 267 -23.48 -4.20 -9.75
CA THR A 267 -24.42 -5.29 -9.95
C THR A 267 -23.77 -6.62 -9.61
N TRP A 268 -24.55 -7.50 -8.99
CA TRP A 268 -24.18 -8.89 -8.78
C TRP A 268 -24.89 -9.76 -9.81
N SER A 269 -24.17 -10.75 -10.34
CA SER A 269 -24.81 -11.77 -11.18
C SER A 269 -24.31 -13.14 -10.74
N GLU A 270 -25.16 -14.13 -10.90
CA GLU A 270 -24.82 -15.52 -10.61
C GLU A 270 -24.13 -16.10 -11.84
N VAL A 271 -22.88 -16.52 -11.69
CA VAL A 271 -22.09 -16.94 -12.84
C VAL A 271 -21.93 -18.46 -12.93
N THR A 272 -21.91 -19.17 -11.81
CA THR A 272 -21.70 -20.61 -11.88
C THR A 272 -22.30 -21.24 -10.62
N ARG A 273 -22.34 -22.57 -10.62
CA ARG A 273 -22.55 -23.35 -9.41
C ARG A 273 -21.33 -24.22 -9.13
N MET A 274 -20.94 -24.31 -7.87
CA MET A 274 -19.94 -25.30 -7.49
C MET A 274 -20.48 -26.70 -7.72
N THR A 275 -19.57 -27.67 -7.80
CA THR A 275 -20.00 -29.05 -8.04
C THR A 275 -20.86 -29.58 -6.90
N SER A 276 -20.76 -28.98 -5.70
CA SER A 276 -21.60 -29.38 -4.57
C SER A 276 -21.59 -28.22 -3.58
N GLY A 277 -22.75 -27.96 -2.99
CA GLY A 277 -22.86 -26.87 -2.03
C GLY A 277 -21.98 -27.08 -0.81
N ARG A 278 -21.51 -25.97 -0.24
CA ARG A 278 -20.61 -26.07 0.90
C ARG A 278 -20.42 -24.68 1.45
N SER A 279 -20.03 -24.63 2.71
CA SER A 279 -19.70 -23.39 3.42
C SER A 279 -18.29 -23.52 4.00
N GLY A 280 -17.75 -22.40 4.47
CA GLY A 280 -16.49 -22.47 5.18
C GLY A 280 -15.31 -22.89 4.32
N VAL A 281 -15.27 -22.48 3.05
CA VAL A 281 -14.17 -22.81 2.15
C VAL A 281 -13.05 -21.80 2.34
N GLY A 282 -11.84 -22.16 1.86
CA GLY A 282 -10.77 -21.21 1.62
C GLY A 282 -10.64 -20.95 0.12
N VAL A 283 -10.51 -19.68 -0.26
CA VAL A 283 -10.55 -19.30 -1.67
C VAL A 283 -9.38 -18.40 -2.01
N ALA A 284 -8.73 -18.65 -3.14
CA ALA A 284 -7.71 -17.71 -3.62
C ALA A 284 -7.52 -17.89 -5.12
N VAL A 285 -6.76 -16.99 -5.72
CA VAL A 285 -6.57 -16.98 -7.17
C VAL A 285 -5.11 -17.21 -7.49
N THR A 286 -4.84 -18.13 -8.41
CA THR A 286 -3.45 -18.27 -8.89
C THR A 286 -3.40 -18.99 -10.23
N MET A 287 -2.22 -19.07 -10.82
CA MET A 287 -2.06 -19.71 -12.07
C MET A 287 -2.68 -21.08 -12.20
N GLU A 288 -3.15 -21.35 -13.39
CA GLU A 288 -3.67 -22.62 -13.81
C GLU A 288 -2.67 -23.73 -13.60
N PRO A 289 -3.12 -24.91 -13.27
CA PRO A 289 -2.16 -25.99 -13.09
C PRO A 289 -1.62 -26.53 -14.40
N SER A 290 -0.56 -27.34 -14.27
CA SER A 290 0.08 -27.94 -15.43
C SER A 290 -0.88 -28.89 -16.16
N ARG A 291 -0.76 -28.93 -17.47
CA ARG A 291 -1.59 -29.78 -18.32
C ARG A 291 -3.08 -29.63 -18.00
N ARG B 3 15.22 -3.45 -8.50
CA ARG B 3 14.86 -2.05 -8.30
C ARG B 3 15.98 -1.28 -7.60
N LEU B 4 16.27 -0.08 -8.08
CA LEU B 4 17.31 0.71 -7.47
C LEU B 4 16.90 2.15 -7.12
N ILE B 5 17.76 2.84 -6.40
CA ILE B 5 17.53 4.23 -6.07
C ILE B 5 18.38 5.19 -6.94
N TYR B 6 17.73 5.79 -7.90
CA TYR B 6 18.34 6.74 -8.82
C TYR B 6 18.39 8.18 -8.29
N THR B 7 19.54 8.84 -8.39
CA THR B 7 19.64 10.24 -8.01
C THR B 7 19.92 11.00 -9.26
N ALA B 8 19.13 12.02 -9.55
CA ALA B 8 19.34 12.83 -10.72
C ALA B 8 19.51 14.31 -10.40
N GLY B 9 20.42 14.96 -11.11
CA GLY B 9 20.68 16.37 -10.93
C GLY B 9 21.34 16.71 -9.65
N GLY B 10 21.17 17.95 -9.20
CA GLY B 10 21.70 18.48 -7.96
C GLY B 10 22.58 19.69 -8.18
N TYR B 11 23.15 20.17 -7.09
CA TYR B 11 23.92 21.39 -7.14
C TYR B 11 25.15 21.31 -6.25
N PHE B 12 26.29 21.67 -6.83
CA PHE B 12 27.50 21.95 -6.07
C PHE B 12 28.31 22.92 -6.95
N ARG B 13 28.27 24.20 -6.58
CA ARG B 13 28.90 25.29 -7.33
C ARG B 13 28.15 25.58 -8.63
N GLN B 14 27.51 24.58 -9.23
CA GLN B 14 26.60 24.77 -10.35
C GLN B 14 25.66 23.57 -10.40
N SER B 15 24.61 23.70 -11.21
CA SER B 15 23.70 22.56 -11.36
C SER B 15 24.42 21.43 -12.11
N LEU B 16 23.93 20.22 -11.89
CA LEU B 16 24.63 19.00 -12.27
C LEU B 16 23.77 18.14 -13.16
N SER B 17 24.42 17.32 -13.97
CA SER B 17 23.72 16.38 -14.83
C SER B 17 23.93 14.92 -14.41
N TYR B 18 24.49 14.68 -13.23
CA TYR B 18 24.75 13.32 -12.76
C TYR B 18 23.45 12.53 -12.65
N LEU B 19 23.47 11.30 -13.17
CA LEU B 19 22.46 10.30 -12.85
C LEU B 19 23.19 9.10 -12.28
N GLU B 20 22.84 8.77 -11.07
CA GLU B 20 23.43 7.67 -10.40
C GLU B 20 22.28 6.83 -9.83
N ALA B 21 22.41 5.51 -9.88
CA ALA B 21 21.42 4.62 -9.32
C ALA B 21 22.09 3.90 -8.18
N TYR B 22 21.34 3.58 -7.15
CA TYR B 22 21.93 2.92 -6.01
C TYR B 22 21.18 1.67 -5.50
N ASN B 23 21.87 0.57 -5.26
CA ASN B 23 21.29 -0.69 -4.74
C ASN B 23 21.77 -0.92 -3.30
N PRO B 24 20.86 -0.77 -2.32
CA PRO B 24 21.08 -0.86 -0.86
C PRO B 24 21.83 -2.10 -0.35
N SER B 25 21.69 -3.23 -1.01
CA SER B 25 22.38 -4.43 -0.57
C SER B 25 23.92 -4.33 -0.55
N ASP B 26 24.51 -4.27 -1.74
CA ASP B 26 25.95 -4.24 -1.85
C ASP B 26 26.55 -2.91 -1.49
N GLY B 27 25.74 -1.87 -1.57
CA GLY B 27 26.25 -0.56 -1.26
C GLY B 27 27.07 -0.09 -2.45
N THR B 28 26.64 -0.48 -3.63
CA THR B 28 27.35 -0.07 -4.80
C THR B 28 26.61 1.01 -5.55
N TRP B 29 27.40 1.86 -6.16
CA TRP B 29 26.94 3.00 -6.91
C TRP B 29 27.35 2.92 -8.35
N LEU B 30 26.39 2.92 -9.26
CA LEU B 30 26.69 2.94 -10.65
C LEU B 30 26.55 4.37 -11.14
N ARG B 31 27.38 4.82 -12.04
CA ARG B 31 27.17 6.14 -12.59
C ARG B 31 26.54 5.86 -13.92
N LEU B 32 25.46 6.49 -14.24
CA LEU B 32 24.72 6.21 -15.46
C LEU B 32 24.78 7.43 -16.40
N ALA B 33 23.91 7.44 -17.40
CA ALA B 33 23.94 8.48 -18.42
C ALA B 33 23.56 9.85 -17.85
N ASP B 34 24.32 10.88 -18.23
CA ASP B 34 24.02 12.24 -17.79
C ASP B 34 22.67 12.73 -18.30
N LEU B 35 22.03 13.59 -17.50
CA LEU B 35 20.93 14.40 -18.01
C LEU B 35 21.42 15.21 -19.21
N GLN B 36 20.52 15.43 -20.18
CA GLN B 36 20.87 16.29 -21.30
C GLN B 36 21.17 17.71 -20.83
N VAL B 37 20.39 18.21 -19.87
CA VAL B 37 20.55 19.54 -19.34
C VAL B 37 20.74 19.43 -17.83
N PRO B 38 21.80 20.02 -17.27
CA PRO B 38 21.98 20.01 -15.82
C PRO B 38 20.83 20.71 -15.12
N ARG B 39 20.44 20.19 -13.97
CA ARG B 39 19.36 20.82 -13.22
C ARG B 39 19.50 20.49 -11.74
N SER B 40 19.17 21.46 -10.90
CA SER B 40 18.97 21.29 -9.47
C SER B 40 17.59 21.83 -9.11
N GLY B 41 17.11 21.49 -7.91
CA GLY B 41 15.77 21.86 -7.54
C GLY B 41 14.70 21.13 -8.32
N LEU B 42 15.06 20.00 -8.92
CA LEU B 42 14.12 19.19 -9.67
C LEU B 42 13.49 18.16 -8.75
N ALA B 43 12.56 17.39 -9.30
CA ALA B 43 12.00 16.25 -8.60
C ALA B 43 12.03 15.04 -9.52
N GLY B 44 12.03 13.87 -8.91
CA GLY B 44 12.05 12.61 -9.63
C GLY B 44 10.85 11.77 -9.28
N CYS B 45 10.41 10.96 -10.24
CA CYS B 45 9.38 9.97 -9.95
C CYS B 45 9.51 8.83 -10.97
N VAL B 46 8.55 7.89 -10.91
CA VAL B 46 8.47 6.70 -11.77
C VAL B 46 7.06 6.38 -12.27
N VAL B 47 6.85 6.19 -13.57
CA VAL B 47 5.56 5.77 -14.12
C VAL B 47 5.86 4.70 -15.17
N GLY B 48 5.15 3.58 -15.14
CA GLY B 48 5.54 2.47 -15.99
C GLY B 48 6.80 2.03 -15.23
N GLY B 49 7.87 1.80 -15.95
CA GLY B 49 9.16 1.56 -15.32
C GLY B 49 10.08 2.77 -15.59
N LEU B 50 9.56 3.74 -16.34
CA LEU B 50 10.23 4.94 -16.74
C LEU B 50 10.44 5.98 -15.68
N LEU B 51 11.69 6.37 -15.51
CA LEU B 51 12.07 7.39 -14.56
C LEU B 51 11.84 8.76 -15.17
N TYR B 52 11.21 9.65 -14.45
CA TYR B 52 11.05 10.97 -14.96
C TYR B 52 11.71 12.00 -14.06
N ALA B 53 12.37 12.96 -14.68
CA ALA B 53 12.98 14.13 -14.08
C ALA B 53 12.15 15.35 -14.45
N VAL B 54 11.64 16.07 -13.44
CA VAL B 54 10.63 17.11 -13.59
C VAL B 54 11.17 18.41 -13.04
N GLY B 55 11.12 19.47 -13.87
CA GLY B 55 11.38 20.82 -13.42
C GLY B 55 12.83 21.08 -13.05
N GLY B 56 13.02 21.97 -12.07
CA GLY B 56 14.34 22.36 -11.64
C GLY B 56 14.79 23.64 -12.33
N ARG B 57 16.10 23.82 -12.34
CA ARG B 57 16.71 24.98 -13.01
C ARG B 57 18.19 24.69 -13.24
N ASN B 58 18.72 25.26 -14.32
CA ASN B 58 20.14 25.16 -14.62
C ASN B 58 20.81 26.45 -14.15
N ASN B 59 21.49 26.36 -13.01
CA ASN B 59 22.24 27.45 -12.38
C ASN B 59 23.72 27.26 -12.72
N SER B 60 24.21 28.02 -13.69
CA SER B 60 25.54 27.86 -14.28
C SER B 60 26.26 29.20 -14.30
N PRO B 61 27.59 29.18 -14.49
CA PRO B 61 28.32 30.46 -14.64
C PRO B 61 27.76 31.36 -15.74
N ASP B 62 26.91 30.81 -16.59
CA ASP B 62 26.40 31.54 -17.73
C ASP B 62 24.91 31.75 -17.71
N GLY B 63 24.21 31.32 -16.66
CA GLY B 63 22.77 31.45 -16.73
C GLY B 63 22.13 30.88 -15.50
N ASN B 64 20.80 31.01 -15.46
CA ASN B 64 20.02 30.48 -14.34
C ASN B 64 18.62 30.23 -14.86
N THR B 65 18.43 29.18 -15.62
CA THR B 65 17.19 29.01 -16.36
C THR B 65 16.30 28.01 -15.63
N ASP B 66 15.12 28.48 -15.19
CA ASP B 66 14.13 27.57 -14.64
C ASP B 66 13.67 26.63 -15.74
N SER B 67 13.22 25.45 -15.36
CA SER B 67 12.98 24.43 -16.35
C SER B 67 11.51 24.05 -16.40
N SER B 68 10.96 24.08 -17.61
CA SER B 68 9.66 23.51 -17.95
C SER B 68 9.77 22.05 -18.30
N ALA B 69 10.98 21.50 -18.27
CA ALA B 69 11.25 20.24 -18.93
C ALA B 69 10.70 19.05 -18.15
N LEU B 70 10.32 18.02 -18.90
CA LEU B 70 10.04 16.70 -18.36
C LEU B 70 10.87 15.72 -19.18
N ASP B 71 11.72 14.95 -18.52
CA ASP B 71 12.58 14.03 -19.24
C ASP B 71 12.44 12.64 -18.65
N CYS B 72 12.31 11.67 -19.54
CA CYS B 72 12.12 10.30 -19.16
C CYS B 72 13.29 9.44 -19.47
N TYR B 73 13.83 8.79 -18.46
CA TYR B 73 14.95 7.94 -18.62
C TYR B 73 14.59 6.46 -18.57
N ASN B 74 14.66 5.76 -19.70
CA ASN B 74 14.36 4.33 -19.81
C ASN B 74 15.52 3.46 -19.35
N PRO B 75 15.35 2.72 -18.28
CA PRO B 75 16.48 1.94 -17.78
C PRO B 75 16.90 0.71 -18.58
N MET B 76 16.21 0.32 -19.62
CA MET B 76 16.66 -0.81 -20.41
C MET B 76 17.56 -0.31 -21.52
N THR B 77 17.22 0.85 -22.06
CA THR B 77 17.96 1.45 -23.11
C THR B 77 18.99 2.41 -22.60
N ASN B 78 18.89 2.76 -21.35
CA ASN B 78 19.76 3.76 -20.71
C ASN B 78 19.78 5.02 -21.55
N GLN B 79 18.59 5.56 -21.79
CA GLN B 79 18.51 6.72 -22.60
C GLN B 79 17.46 7.67 -22.11
N TRP B 80 17.80 8.95 -22.16
CA TRP B 80 16.91 10.00 -21.74
C TRP B 80 16.15 10.43 -22.94
N SER B 81 14.89 10.74 -22.79
CA SER B 81 14.13 11.19 -23.92
C SER B 81 13.26 12.28 -23.46
N PRO B 82 13.21 13.34 -24.21
CA PRO B 82 12.33 14.44 -23.77
C PRO B 82 10.86 14.09 -23.91
N CYS B 83 10.05 14.67 -23.03
CA CYS B 83 8.60 14.62 -23.09
C CYS B 83 8.07 16.04 -23.23
N ALA B 84 6.74 16.17 -23.31
CA ALA B 84 6.16 17.50 -23.43
C ALA B 84 6.51 18.35 -22.21
N PRO B 85 6.72 19.65 -22.40
CA PRO B 85 7.02 20.51 -21.25
C PRO B 85 5.74 20.94 -20.56
N MET B 86 5.89 21.27 -19.27
CA MET B 86 4.81 21.83 -18.49
C MET B 86 4.45 23.22 -19.00
N SER B 87 3.31 23.72 -18.51
CA SER B 87 2.87 25.04 -18.93
C SER B 87 3.79 26.15 -18.43
N VAL B 88 4.52 25.91 -17.34
CA VAL B 88 5.41 26.91 -16.75
C VAL B 88 6.68 26.23 -16.26
N PRO B 89 7.78 26.97 -16.17
CA PRO B 89 8.95 26.45 -15.46
C PRO B 89 8.65 26.34 -13.98
N ARG B 90 9.27 25.34 -13.34
CA ARG B 90 9.01 25.05 -11.92
C ARG B 90 10.35 24.68 -11.25
N ASN B 91 11.05 25.68 -10.72
CA ASN B 91 12.21 25.42 -9.89
C ASN B 91 11.76 25.05 -8.48
N ARG B 92 12.46 24.10 -7.86
CA ARG B 92 12.12 23.61 -6.51
C ARG B 92 10.68 23.09 -6.47
N ILE B 93 10.39 22.22 -7.44
CA ILE B 93 9.08 21.63 -7.65
C ILE B 93 8.86 20.47 -6.68
N GLY B 94 7.60 20.08 -6.51
CA GLY B 94 7.26 18.80 -5.92
C GLY B 94 6.45 17.99 -6.90
N VAL B 95 6.58 16.66 -6.83
CA VAL B 95 5.84 15.80 -7.76
C VAL B 95 5.26 14.60 -7.03
N GLY B 96 4.14 14.13 -7.56
CA GLY B 96 3.49 12.94 -7.04
C GLY B 96 2.83 12.20 -8.20
N VAL B 97 2.54 10.91 -7.98
CA VAL B 97 1.94 10.07 -9.01
C VAL B 97 0.60 9.53 -8.52
N ILE B 98 -0.45 9.72 -9.34
CA ILE B 98 -1.77 9.17 -9.08
C ILE B 98 -2.35 8.62 -10.38
N ASP B 99 -2.76 7.36 -10.36
CA ASP B 99 -3.42 6.73 -11.51
C ASP B 99 -2.55 6.80 -12.76
N GLY B 100 -1.25 6.58 -12.59
CA GLY B 100 -0.35 6.68 -13.72
C GLY B 100 -0.20 8.08 -14.30
N HIS B 101 -0.64 9.11 -13.58
CA HIS B 101 -0.54 10.50 -14.01
C HIS B 101 0.40 11.27 -13.09
N ILE B 102 1.14 12.21 -13.69
CA ILE B 102 2.17 12.98 -12.99
C ILE B 102 1.58 14.30 -12.52
N TYR B 103 1.60 14.54 -11.21
CA TYR B 103 1.22 15.84 -10.68
C TYR B 103 2.48 16.64 -10.39
N ALA B 104 2.59 17.80 -11.05
CA ALA B 104 3.64 18.76 -10.84
C ALA B 104 3.07 19.90 -10.01
N VAL B 105 3.75 20.21 -8.91
CA VAL B 105 3.19 20.97 -7.81
C VAL B 105 4.12 22.11 -7.49
N GLY B 106 3.60 23.34 -7.56
CA GLY B 106 4.32 24.50 -7.07
C GLY B 106 5.58 24.78 -7.84
N GLY B 107 6.61 25.18 -7.11
CA GLY B 107 7.86 25.60 -7.72
C GLY B 107 7.80 27.06 -8.12
N SER B 108 8.94 27.56 -8.59
CA SER B 108 9.06 28.97 -8.92
C SER B 108 9.51 29.15 -10.36
N HIS B 109 9.17 30.31 -10.91
CA HIS B 109 9.74 30.81 -12.16
C HIS B 109 10.10 32.26 -11.89
N GLY B 110 11.41 32.54 -11.83
CA GLY B 110 11.82 33.88 -11.43
C GLY B 110 11.29 34.21 -10.05
N CYS B 111 10.58 35.33 -9.94
CA CYS B 111 10.01 35.76 -8.67
CA CYS B 111 10.02 35.74 -8.65
C CYS B 111 8.59 35.26 -8.45
N ILE B 112 8.04 34.51 -9.40
CA ILE B 112 6.72 33.93 -9.24
C ILE B 112 6.86 32.62 -8.48
N HIS B 113 6.11 32.48 -7.40
CA HIS B 113 5.99 31.23 -6.67
C HIS B 113 4.62 30.66 -7.00
N HIS B 114 4.61 29.50 -7.64
CA HIS B 114 3.37 28.92 -8.14
C HIS B 114 2.53 28.33 -7.01
N ASN B 115 1.23 28.57 -7.07
CA ASN B 115 0.26 27.68 -6.46
C ASN B 115 -0.33 26.76 -7.51
N SER B 116 0.04 26.97 -8.79
CA SER B 116 -0.39 26.15 -9.90
C SER B 116 -0.03 24.69 -9.69
N VAL B 117 -0.89 23.79 -10.17
CA VAL B 117 -0.65 22.36 -10.22
C VAL B 117 -1.09 21.88 -11.59
N GLU B 118 -0.29 21.01 -12.22
CA GLU B 118 -0.72 20.46 -13.50
C GLU B 118 -0.43 18.96 -13.59
N ARG B 119 -1.18 18.31 -14.48
CA ARG B 119 -1.27 16.86 -14.58
C ARG B 119 -0.77 16.41 -15.95
N TYR B 120 0.15 15.46 -15.94
CA TYR B 120 0.75 14.89 -17.14
C TYR B 120 0.16 13.51 -17.36
N GLU B 121 -0.24 13.26 -18.61
CA GLU B 121 -0.77 11.99 -19.08
C GLU B 121 0.29 11.37 -19.97
N PRO B 122 0.93 10.29 -19.53
CA PRO B 122 1.97 9.66 -20.37
C PRO B 122 1.41 9.06 -21.65
N GLU B 123 0.23 8.46 -21.58
CA GLU B 123 -0.37 7.87 -22.77
C GLU B 123 -0.69 8.94 -23.82
N ARG B 124 -1.00 10.15 -23.37
CA ARG B 124 -1.24 11.25 -24.30
C ARG B 124 -0.05 12.18 -24.47
N ASP B 125 1.01 12.01 -23.69
CA ASP B 125 2.12 12.96 -23.63
C ASP B 125 1.59 14.39 -23.54
N GLU B 126 0.79 14.62 -22.48
CA GLU B 126 0.06 15.89 -22.42
C GLU B 126 0.00 16.43 -21.00
N TRP B 127 0.09 17.76 -20.87
CA TRP B 127 -0.10 18.43 -19.59
C TRP B 127 -1.43 19.17 -19.62
N HIS B 128 -2.10 19.20 -18.47
CA HIS B 128 -3.32 19.97 -18.29
C HIS B 128 -3.34 20.55 -16.89
N LEU B 129 -3.78 21.80 -16.77
CA LEU B 129 -3.86 22.41 -15.45
C LEU B 129 -5.02 21.82 -14.66
N VAL B 130 -4.82 21.69 -13.36
CA VAL B 130 -5.89 21.31 -12.44
C VAL B 130 -6.03 22.42 -11.42
N ALA B 131 -6.81 22.20 -10.38
CA ALA B 131 -7.07 23.24 -9.40
C ALA B 131 -5.77 23.69 -8.73
N PRO B 132 -5.55 24.99 -8.56
CA PRO B 132 -4.36 25.44 -7.83
C PRO B 132 -4.47 25.16 -6.34
N MET B 133 -3.31 25.02 -5.72
CA MET B 133 -3.26 24.88 -4.27
C MET B 133 -3.85 26.12 -3.61
N LEU B 134 -4.16 25.97 -2.33
CA LEU B 134 -4.54 27.11 -1.51
C LEU B 134 -3.36 28.03 -1.22
N THR B 135 -2.14 27.54 -1.41
CA THR B 135 -0.93 28.23 -1.02
C THR B 135 0.06 28.11 -2.16
N ARG B 136 0.79 29.20 -2.42
CA ARG B 136 1.95 29.12 -3.30
C ARG B 136 3.08 28.42 -2.54
N ARG B 137 3.71 27.43 -3.17
CA ARG B 137 4.69 26.58 -2.48
C ARG B 137 5.84 26.26 -3.40
N ILE B 138 7.03 26.70 -3.04
CA ILE B 138 8.26 26.18 -3.61
C ILE B 138 9.03 25.49 -2.49
N GLY B 139 9.95 24.61 -2.89
CA GLY B 139 10.57 23.72 -1.93
C GLY B 139 9.55 22.89 -1.18
N VAL B 140 8.46 22.52 -1.86
CA VAL B 140 7.36 21.80 -1.24
C VAL B 140 7.61 20.31 -1.35
N GLY B 141 7.33 19.57 -0.28
CA GLY B 141 7.36 18.11 -0.34
C GLY B 141 6.01 17.57 -0.76
N VAL B 142 6.03 16.51 -1.56
CA VAL B 142 4.79 15.97 -2.10
C VAL B 142 4.76 14.48 -1.82
N ALA B 143 3.59 13.99 -1.43
CA ALA B 143 3.43 12.55 -1.19
C ALA B 143 2.02 12.13 -1.62
N VAL B 144 1.88 10.87 -1.96
CA VAL B 144 0.59 10.35 -2.41
C VAL B 144 0.18 9.19 -1.51
N LEU B 145 -1.05 9.27 -1.00
CA LEU B 145 -1.58 8.24 -0.11
C LEU B 145 -3.08 8.07 -0.36
N ASN B 146 -3.52 6.84 -0.60
CA ASN B 146 -4.93 6.53 -0.79
C ASN B 146 -5.55 7.32 -1.94
N ARG B 147 -4.77 7.49 -3.03
CA ARG B 147 -5.12 8.29 -4.20
C ARG B 147 -5.39 9.75 -3.84
N LEU B 148 -4.84 10.23 -2.73
CA LEU B 148 -4.93 11.63 -2.37
C LEU B 148 -3.52 12.21 -2.41
N LEU B 149 -3.41 13.46 -2.83
CA LEU B 149 -2.09 14.05 -3.02
C LEU B 149 -1.83 15.09 -1.94
N TYR B 150 -0.69 15.00 -1.27
CA TYR B 150 -0.37 15.88 -0.16
C TYR B 150 0.81 16.78 -0.53
N ALA B 151 0.63 18.08 -0.32
CA ALA B 151 1.69 19.08 -0.47
C ALA B 151 2.04 19.61 0.91
N VAL B 152 3.32 19.53 1.27
CA VAL B 152 3.77 19.69 2.65
C VAL B 152 4.87 20.75 2.72
N GLY B 153 4.72 21.72 3.61
CA GLY B 153 5.72 22.73 3.85
C GLY B 153 5.98 23.57 2.61
N GLY B 154 7.20 24.08 2.52
CA GLY B 154 7.58 24.92 1.40
C GLY B 154 7.70 26.38 1.77
N PHE B 155 7.70 27.22 0.74
CA PHE B 155 7.95 28.66 0.85
C PHE B 155 7.03 29.39 -0.13
N ASP B 156 6.27 30.38 0.35
CA ASP B 156 5.29 31.07 -0.50
C ASP B 156 5.84 32.37 -1.10
N GLY B 157 7.13 32.63 -0.95
CA GLY B 157 7.75 33.87 -1.37
C GLY B 157 8.06 34.81 -0.21
N THR B 158 7.28 34.74 0.86
CA THR B 158 7.49 35.52 2.09
C THR B 158 7.60 34.67 3.34
N ASN B 159 6.75 33.65 3.49
CA ASN B 159 6.76 32.82 4.69
C ASN B 159 7.14 31.39 4.33
N ARG B 160 7.95 30.77 5.18
CA ARG B 160 8.13 29.34 5.11
C ARG B 160 6.98 28.71 5.89
N LEU B 161 6.63 27.48 5.54
CA LEU B 161 5.33 26.93 5.84
C LEU B 161 5.46 25.65 6.64
N ASN B 162 4.58 25.52 7.64
CA ASN B 162 4.32 24.24 8.30
C ASN B 162 3.00 23.64 7.86
N SER B 163 2.22 24.36 7.06
CA SER B 163 0.94 23.85 6.62
C SER B 163 1.12 22.74 5.60
N ALA B 164 0.11 21.88 5.51
CA ALA B 164 0.03 20.85 4.49
C ALA B 164 -1.40 20.86 3.96
N GLU B 165 -1.53 20.54 2.67
CA GLU B 165 -2.85 20.49 2.05
C GLU B 165 -2.97 19.24 1.21
N CYS B 166 -4.22 18.86 0.96
CA CYS B 166 -4.55 17.58 0.37
C CYS B 166 -5.47 17.82 -0.82
N TYR B 167 -5.09 17.24 -1.95
CA TYR B 167 -5.79 17.35 -3.22
C TYR B 167 -6.61 16.09 -3.42
N TYR B 168 -7.90 16.30 -3.66
CA TYR B 168 -8.88 15.27 -3.98
C TYR B 168 -9.12 15.31 -5.48
N PRO B 169 -8.68 14.29 -6.22
CA PRO B 169 -8.85 14.31 -7.68
C PRO B 169 -10.28 14.17 -8.11
N GLU B 170 -11.11 13.46 -7.33
CA GLU B 170 -12.46 13.18 -7.78
C GLU B 170 -13.32 14.44 -7.75
N ARG B 171 -12.91 15.44 -6.97
CA ARG B 171 -13.59 16.73 -6.94
C ARG B 171 -12.69 17.85 -7.44
N ASN B 172 -11.43 17.55 -7.75
CA ASN B 172 -10.48 18.55 -8.20
C ASN B 172 -10.40 19.70 -7.20
N GLU B 173 -10.11 19.36 -5.95
CA GLU B 173 -10.09 20.43 -4.96
C GLU B 173 -9.07 20.15 -3.86
N TRP B 174 -8.58 21.23 -3.28
CA TRP B 174 -7.60 21.18 -2.19
C TRP B 174 -8.26 21.56 -0.87
N ARG B 175 -7.89 20.84 0.19
CA ARG B 175 -8.29 21.22 1.54
C ARG B 175 -7.10 21.12 2.48
N MET B 176 -6.97 22.12 3.36
CA MET B 176 -5.92 22.14 4.35
C MET B 176 -6.09 20.99 5.33
N ILE B 177 -4.96 20.47 5.84
CA ILE B 177 -5.01 19.48 6.92
C ILE B 177 -4.27 20.05 8.12
N THR B 178 -4.02 19.22 9.14
CA THR B 178 -3.26 19.67 10.30
C THR B 178 -1.85 20.07 9.91
N ALA B 179 -1.39 21.22 10.41
CA ALA B 179 -0.04 21.68 10.12
C ALA B 179 1.00 20.83 10.83
N MET B 180 2.21 20.77 10.26
CA MET B 180 3.30 20.14 10.98
C MET B 180 3.60 20.92 12.27
N ASN B 181 4.32 20.27 13.18
CA ASN B 181 4.80 20.97 14.36
C ASN B 181 5.91 21.96 14.02
N THR B 182 6.63 21.74 12.92
CA THR B 182 7.78 22.56 12.58
C THR B 182 7.58 23.16 11.19
N ILE B 183 7.93 24.44 11.04
CA ILE B 183 7.97 25.05 9.72
C ILE B 183 9.11 24.46 8.92
N ARG B 184 8.82 24.03 7.69
CA ARG B 184 9.83 23.36 6.87
C ARG B 184 9.67 23.76 5.41
N SER B 185 10.71 24.38 4.86
CA SER B 185 10.86 24.52 3.42
C SER B 185 12.06 23.68 3.03
N GLY B 186 11.99 23.03 1.86
CA GLY B 186 13.08 22.18 1.42
C GLY B 186 13.28 20.92 2.27
N ALA B 187 12.24 20.45 2.92
CA ALA B 187 12.28 19.16 3.60
C ALA B 187 12.20 18.01 2.60
N GLY B 188 12.57 16.81 3.05
CA GLY B 188 12.30 15.60 2.29
C GLY B 188 11.01 14.98 2.80
N VAL B 189 10.08 14.71 1.89
CA VAL B 189 8.75 14.25 2.25
C VAL B 189 8.40 13.01 1.43
N CYS B 190 7.86 11.98 2.08
CA CYS B 190 7.39 10.75 1.43
C CYS B 190 6.25 10.04 2.18
N VAL B 191 5.75 8.97 1.61
CA VAL B 191 4.65 8.19 2.15
C VAL B 191 5.14 6.84 2.64
N LEU B 192 4.43 6.20 3.57
CA LEU B 192 4.77 4.88 4.15
C LEU B 192 3.58 4.28 4.94
N HIS B 193 2.97 3.23 4.41
CA HIS B 193 1.74 2.56 4.92
C HIS B 193 0.66 3.56 4.81
N ASN B 194 0.14 4.02 5.91
CA ASN B 194 -0.91 5.01 5.84
C ASN B 194 -0.35 6.25 6.51
N CYS B 195 0.90 6.59 6.21
CA CYS B 195 1.57 7.72 6.85
C CYS B 195 2.45 8.59 5.94
N ILE B 196 2.65 9.87 6.30
CA ILE B 196 3.48 10.81 5.57
C ILE B 196 4.61 11.26 6.44
N TYR B 197 5.84 11.23 5.98
CA TYR B 197 6.93 11.70 6.79
C TYR B 197 7.54 12.98 6.17
N ALA B 198 8.09 13.83 7.01
CA ALA B 198 8.74 15.09 6.64
C ALA B 198 10.03 15.18 7.45
N ALA B 199 11.17 15.30 6.76
CA ALA B 199 12.48 15.23 7.37
C ALA B 199 13.31 16.44 7.00
N GLY B 200 13.89 17.08 8.02
CA GLY B 200 14.79 18.18 7.81
C GLY B 200 14.07 19.39 7.21
N GLY B 201 14.82 20.17 6.47
CA GLY B 201 14.33 21.39 5.88
C GLY B 201 14.93 22.63 6.52
N TYR B 202 14.30 23.76 6.23
CA TYR B 202 14.78 25.06 6.69
C TYR B 202 13.57 25.86 7.17
N ASP B 203 13.63 26.38 8.40
CA ASP B 203 12.50 27.09 8.98
C ASP B 203 12.65 28.62 8.89
N GLY B 204 13.51 29.11 8.01
CA GLY B 204 13.80 30.52 7.96
C GLY B 204 14.93 30.96 8.87
N GLN B 205 15.39 30.09 9.75
CA GLN B 205 16.51 30.39 10.63
C GLN B 205 17.61 29.34 10.61
N ASP B 206 17.24 28.06 10.70
CA ASP B 206 18.22 26.98 10.79
C ASP B 206 17.78 25.82 9.91
N GLN B 207 18.75 25.09 9.37
CA GLN B 207 18.45 23.77 8.84
C GLN B 207 18.09 22.84 10.00
N LEU B 208 17.26 21.85 9.69
CA LEU B 208 16.69 20.96 10.69
C LEU B 208 17.20 19.52 10.52
N ASN B 209 17.35 18.84 11.64
CA ASN B 209 17.50 17.40 11.63
C ASN B 209 16.26 16.71 12.18
N SER B 210 15.33 17.51 12.69
CA SER B 210 14.05 17.01 13.17
C SER B 210 13.30 16.28 12.06
N VAL B 211 12.64 15.19 12.44
CA VAL B 211 11.78 14.42 11.55
C VAL B 211 10.43 14.24 12.23
N GLU B 212 9.36 14.40 11.47
CA GLU B 212 8.02 14.16 12.02
C GLU B 212 7.18 13.42 11.00
N ARG B 213 6.19 12.71 11.51
CA ARG B 213 5.36 11.79 10.75
C ARG B 213 3.90 12.09 10.98
N TYR B 214 3.12 12.08 9.91
CA TYR B 214 1.69 12.32 9.93
C TYR B 214 0.97 10.98 9.88
N ASP B 215 0.14 10.74 10.90
CA ASP B 215 -0.73 9.57 10.97
C ASP B 215 -2.13 10.04 10.58
N VAL B 216 -2.59 9.57 9.41
CA VAL B 216 -3.85 10.07 8.85
C VAL B 216 -5.04 9.63 9.68
N ALA B 217 -5.01 8.44 10.26
CA ALA B 217 -6.14 7.97 11.06
C ALA B 217 -6.42 8.90 12.23
N THR B 218 -5.37 9.44 12.85
CA THR B 218 -5.53 10.36 13.97
C THR B 218 -5.35 11.81 13.57
N ALA B 219 -5.07 12.07 12.30
CA ALA B 219 -4.75 13.40 11.81
C ALA B 219 -3.72 14.07 12.71
N THR B 220 -2.67 13.32 13.05
CA THR B 220 -1.70 13.86 14.01
C THR B 220 -0.28 13.78 13.47
N TRP B 221 0.49 14.84 13.67
CA TRP B 221 1.93 14.84 13.43
C TRP B 221 2.64 14.55 14.74
N THR B 222 3.57 13.61 14.71
CA THR B 222 4.39 13.28 15.88
C THR B 222 5.85 13.20 15.46
N PHE B 223 6.73 13.69 16.31
CA PHE B 223 8.17 13.59 16.02
C PHE B 223 8.63 12.14 16.15
N VAL B 224 9.55 11.74 15.28
CA VAL B 224 10.22 10.45 15.43
C VAL B 224 11.70 10.72 15.68
N ALA B 225 12.53 9.70 15.52
CA ALA B 225 13.95 9.91 15.69
C ALA B 225 14.48 10.90 14.65
N PRO B 226 15.31 11.85 15.07
CA PRO B 226 15.89 12.80 14.11
C PRO B 226 17.04 12.17 13.33
N MET B 227 17.38 12.84 12.24
CA MET B 227 18.54 12.44 11.47
C MET B 227 19.82 12.83 12.21
N LYS B 228 20.93 12.21 11.81
CA LYS B 228 22.22 12.57 12.40
C LYS B 228 22.69 13.93 11.91
N HIS B 229 22.37 14.30 10.66
CA HIS B 229 22.86 15.53 10.05
C HIS B 229 21.71 16.42 9.59
N ARG B 230 21.68 17.67 10.08
CA ARG B 230 20.75 18.66 9.54
C ARG B 230 20.92 18.80 8.02
N ARG B 231 19.81 19.07 7.34
CA ARG B 231 19.86 19.18 5.89
C ARG B 231 18.56 19.72 5.36
N SER B 232 18.65 20.64 4.40
CA SER B 232 17.53 21.09 3.59
C SER B 232 17.88 20.82 2.13
N ALA B 233 16.85 20.77 1.28
CA ALA B 233 16.99 20.44 -0.14
C ALA B 233 17.63 19.07 -0.33
N LEU B 234 17.13 18.10 0.43
CA LEU B 234 17.58 16.72 0.36
C LEU B 234 16.71 15.92 -0.59
N GLY B 235 17.30 14.85 -1.13
CA GLY B 235 16.52 13.84 -1.79
C GLY B 235 16.01 12.82 -0.79
N ILE B 236 14.89 12.24 -1.14
CA ILE B 236 14.26 11.27 -0.31
C ILE B 236 13.52 10.21 -1.09
N THR B 237 13.58 8.98 -0.63
CA THR B 237 12.82 7.89 -1.24
C THR B 237 12.56 6.69 -0.35
N VAL B 238 11.56 5.90 -0.76
CA VAL B 238 11.22 4.66 -0.06
C VAL B 238 11.58 3.43 -0.90
N HIS B 239 12.27 2.48 -0.29
CA HIS B 239 12.70 1.26 -0.95
C HIS B 239 12.57 0.04 -0.08
N GLN B 240 11.72 -0.90 -0.47
CA GLN B 240 11.46 -2.11 0.30
C GLN B 240 11.22 -1.80 1.75
N GLY B 241 10.23 -0.95 2.00
CA GLY B 241 9.87 -0.62 3.35
C GLY B 241 10.74 0.26 4.20
N ARG B 242 11.76 0.85 3.64
CA ARG B 242 12.58 1.77 4.42
C ARG B 242 12.70 3.09 3.63
N ILE B 243 13.12 4.14 4.29
CA ILE B 243 13.23 5.47 3.69
C ILE B 243 14.64 5.99 3.62
N TYR B 244 15.07 6.49 2.48
CA TYR B 244 16.41 6.99 2.44
C TYR B 244 16.53 8.47 2.09
N VAL B 245 17.41 9.19 2.78
CA VAL B 245 17.73 10.61 2.53
C VAL B 245 19.14 10.77 1.95
N LEU B 246 19.30 11.64 0.97
CA LEU B 246 20.52 11.82 0.20
C LEU B 246 20.86 13.30 0.09
N GLY B 247 22.07 13.65 0.53
CA GLY B 247 22.66 14.98 0.33
C GLY B 247 21.92 16.10 1.02
N GLY B 248 21.96 17.28 0.40
CA GLY B 248 21.37 18.48 0.95
C GLY B 248 22.42 19.48 1.39
N TYR B 249 21.92 20.59 1.96
CA TYR B 249 22.72 21.72 2.42
C TYR B 249 22.38 21.99 3.89
N ASP B 250 23.42 22.29 4.69
CA ASP B 250 23.23 22.54 6.12
C ASP B 250 23.61 23.96 6.52
N GLY B 251 23.72 24.88 5.56
CA GLY B 251 24.11 26.25 5.83
C GLY B 251 25.59 26.55 5.69
N HIS B 252 26.43 25.52 5.55
CA HIS B 252 27.87 25.74 5.41
C HIS B 252 28.40 24.88 4.27
N THR B 253 27.93 23.64 4.21
CA THR B 253 28.51 22.61 3.35
C THR B 253 27.42 21.84 2.61
N PHE B 254 27.75 21.40 1.41
CA PHE B 254 26.91 20.49 0.63
C PHE B 254 27.23 19.05 1.01
N LEU B 255 26.30 18.38 1.70
CA LEU B 255 26.56 17.06 2.26
C LEU B 255 26.55 15.98 1.18
N ASP B 256 27.29 14.91 1.42
CA ASP B 256 27.16 13.67 0.65
C ASP B 256 26.57 12.53 1.47
N SER B 257 26.26 12.75 2.74
CA SER B 257 25.68 11.71 3.59
C SER B 257 24.42 11.13 2.99
N VAL B 258 24.25 9.82 3.15
CA VAL B 258 22.98 9.15 2.89
C VAL B 258 22.61 8.47 4.20
N GLU B 259 21.48 8.85 4.76
CA GLU B 259 21.00 8.23 6.00
C GLU B 259 19.77 7.40 5.70
N CYS B 260 19.57 6.35 6.51
CA CYS B 260 18.51 5.39 6.30
C CYS B 260 17.72 5.23 7.58
N TYR B 261 16.41 5.23 7.46
CA TYR B 261 15.50 5.10 8.59
C TYR B 261 14.83 3.73 8.52
N ASP B 262 15.05 2.94 9.57
CA ASP B 262 14.35 1.68 9.82
C ASP B 262 13.15 1.99 10.72
N PRO B 263 11.92 1.94 10.19
CA PRO B 263 10.76 2.31 11.02
C PRO B 263 10.45 1.34 12.14
N ASP B 264 10.85 0.06 12.03
CA ASP B 264 10.57 -0.88 13.10
C ASP B 264 11.39 -0.56 14.35
N THR B 265 12.59 -0.01 14.18
CA THR B 265 13.46 0.32 15.29
C THR B 265 13.55 1.81 15.58
N ASP B 266 12.89 2.65 14.78
CA ASP B 266 12.95 4.12 14.91
C ASP B 266 14.40 4.59 15.03
N THR B 267 15.22 4.18 14.06
CA THR B 267 16.65 4.46 14.08
C THR B 267 17.10 4.99 12.72
N TRP B 268 17.94 6.02 12.76
CA TRP B 268 18.61 6.54 11.57
C TRP B 268 20.05 6.06 11.55
N SER B 269 20.42 5.55 10.39
CA SER B 269 21.76 5.11 10.13
C SER B 269 22.31 5.63 8.78
N GLU B 270 23.60 6.01 8.80
CA GLU B 270 24.37 6.45 7.63
C GLU B 270 24.61 5.19 6.86
N VAL B 271 24.12 5.08 5.65
CA VAL B 271 24.25 3.82 4.96
C VAL B 271 25.09 3.76 3.70
N THR B 272 25.46 4.90 3.15
CA THR B 272 26.25 5.04 1.93
C THR B 272 26.53 6.51 1.74
N ARG B 273 27.48 6.79 0.89
CA ARG B 273 27.86 8.12 0.56
C ARG B 273 27.61 8.28 -0.90
N MET B 274 27.44 9.54 -1.24
CA MET B 274 27.29 9.94 -2.59
C MET B 274 28.75 10.26 -3.02
N THR B 275 29.01 10.07 -4.29
CA THR B 275 30.35 10.32 -4.82
C THR B 275 30.78 11.77 -4.65
N SER B 276 29.83 12.68 -4.45
CA SER B 276 30.14 14.09 -4.22
C SER B 276 28.96 14.74 -3.54
N GLY B 277 29.23 15.61 -2.58
CA GLY B 277 28.16 16.35 -1.93
C GLY B 277 27.41 17.23 -2.91
N ARG B 278 26.13 17.42 -2.64
CA ARG B 278 25.25 18.16 -3.52
C ARG B 278 23.90 18.32 -2.84
N SER B 279 23.14 19.33 -3.28
CA SER B 279 21.79 19.60 -2.81
C SER B 279 20.84 19.67 -4.01
N GLY B 280 19.54 19.62 -3.71
CA GLY B 280 18.53 19.84 -4.73
C GLY B 280 18.41 18.75 -5.79
N VAL B 281 18.62 17.49 -5.39
CA VAL B 281 18.53 16.37 -6.34
C VAL B 281 17.08 15.91 -6.46
N GLY B 282 16.81 15.15 -7.51
CA GLY B 282 15.60 14.35 -7.60
C GLY B 282 15.93 12.87 -7.41
N VAL B 283 15.10 12.19 -6.60
CA VAL B 283 15.38 10.82 -6.20
C VAL B 283 14.13 9.97 -6.42
N ALA B 284 14.33 8.76 -6.95
CA ALA B 284 13.21 7.81 -7.11
C ALA B 284 13.77 6.40 -7.19
N VAL B 285 12.87 5.41 -7.19
CA VAL B 285 13.24 4.00 -7.19
C VAL B 285 12.68 3.34 -8.45
N THR B 286 13.54 2.61 -9.16
CA THR B 286 13.07 1.83 -10.33
C THR B 286 14.05 0.75 -10.74
N ASP C 2 21.90 31.22 -1.14
CA ASP C 2 20.57 30.85 -0.69
C ASP C 2 20.65 30.04 0.59
N PRO C 3 19.97 30.52 1.64
CA PRO C 3 20.07 29.83 2.94
C PRO C 3 19.57 28.40 2.89
N GLU C 4 18.64 28.11 1.99
CA GLU C 4 17.94 26.84 1.97
C GLU C 4 18.61 25.81 1.08
N THR C 5 19.10 26.22 -0.09
CA THR C 5 19.67 25.30 -1.06
C THR C 5 21.16 25.45 -1.28
N GLY C 6 21.76 26.51 -0.74
CA GLY C 6 23.15 26.80 -1.01
C GLY C 6 23.43 27.47 -2.34
N GLU C 7 22.42 27.66 -3.21
CA GLU C 7 22.67 28.19 -4.54
C GLU C 7 22.82 29.71 -4.56
#